data_3UYC
#
_entry.id   3UYC
#
_cell.length_a   99.569
_cell.length_b   65.466
_cell.length_c   75.729
_cell.angle_alpha   90.00
_cell.angle_beta   90.00
_cell.angle_gamma   90.00
#
_symmetry.space_group_name_H-M   'P 21 21 2'
#
loop_
_entity.id
_entity.type
_entity.pdbx_description
1 polymer 'Kemp eliminase KE59 R8_2/7A'
2 non-polymer 'PHOSPHATE ION'
3 water water
#
_entity_poly.entity_id   1
_entity_poly.type   'polypeptide(L)'
_entity_poly.pdbx_seq_one_letter_code
;MPRYLKGWLEDVVQLSLRRPSLHASRQRPIISLRERILEFNKRNNTAIIAVYKRKSPSGLNVERDPIEYAKFMERGVVGL
AILTEEKYFNGSYEDLRKIASSVSIPILMWDIIVKESQIDDAYNLGADTVGLIVKILTERELKSLLEYARSYGMEPAIVI
NDENDLDIALRIGARFIIISSHDLETLEINKENQRKLISMVPSDVVKVVASGISERNEIEELRKLGVNAFEIGSSLMRNP
EKIKEFIGG
;
_entity_poly.pdbx_strand_id   A,B
#
loop_
_chem_comp.id
_chem_comp.type
_chem_comp.name
_chem_comp.formula
PO4 non-polymer 'PHOSPHATE ION' 'O4 P -3'
#
# COMPACT_ATOMS: atom_id res chain seq x y z
N PRO A 2 5.01 -27.51 17.41
CA PRO A 2 4.37 -26.75 16.34
C PRO A 2 3.88 -27.68 15.19
N ARG A 3 3.15 -27.12 14.21
CA ARG A 3 2.79 -27.82 13.00
C ARG A 3 4.02 -28.03 12.16
N TYR A 4 3.93 -28.98 11.25
CA TYR A 4 5.00 -29.14 10.22
C TYR A 4 4.99 -28.01 9.23
N LEU A 5 6.18 -27.45 8.96
CA LEU A 5 6.27 -26.22 8.18
C LEU A 5 7.48 -26.30 7.25
N LYS A 6 7.54 -25.44 6.26
CA LYS A 6 8.71 -25.35 5.43
C LYS A 6 8.85 -23.88 5.06
N GLY A 7 9.97 -23.52 4.41
CA GLY A 7 10.24 -22.12 4.01
C GLY A 7 10.57 -21.27 5.24
N TRP A 8 10.28 -19.96 5.18
CA TRP A 8 10.63 -19.02 6.24
C TRP A 8 9.90 -19.32 7.58
N LEU A 9 8.73 -19.93 7.49
CA LEU A 9 7.91 -20.32 8.65
C LEU A 9 8.57 -21.34 9.48
N GLU A 10 9.01 -22.40 8.85
CA GLU A 10 9.83 -23.39 9.53
C GLU A 10 11.08 -22.75 10.16
N ASP A 11 11.77 -21.90 9.40
CA ASP A 11 12.97 -21.22 9.96
C ASP A 11 12.61 -20.35 11.19
N VAL A 12 11.60 -19.48 11.05
CA VAL A 12 11.20 -18.62 12.20
C VAL A 12 10.72 -19.40 13.41
N VAL A 13 9.96 -20.47 13.21
CA VAL A 13 9.60 -21.29 14.40
C VAL A 13 10.81 -22.01 15.12
N GLN A 14 11.74 -22.51 14.32
CA GLN A 14 13.00 -23.06 14.88
C GLN A 14 13.73 -22.05 15.72
N LEU A 15 13.75 -20.82 15.26
CA LEU A 15 14.35 -19.74 16.01
C LEU A 15 13.61 -19.47 17.25
N SER A 16 12.29 -19.36 17.15
CA SER A 16 11.47 -19.09 18.35
C SER A 16 11.57 -20.17 19.38
N LEU A 17 11.68 -21.42 18.98
CA LEU A 17 11.80 -22.50 19.97
C LEU A 17 13.05 -22.28 20.84
N ARG A 18 14.05 -21.57 20.28
CA ARG A 18 15.31 -21.33 20.97
C ARG A 18 15.41 -19.91 21.51
N ARG A 19 14.30 -19.16 21.50
CA ARG A 19 14.26 -17.78 22.02
C ARG A 19 14.66 -17.70 23.51
N PRO A 20 15.78 -17.04 23.82
CA PRO A 20 16.08 -17.04 25.24
C PRO A 20 15.00 -16.29 26.03
N SER A 21 14.69 -16.76 27.20
CA SER A 21 13.73 -16.05 27.97
C SER A 21 14.38 -14.89 28.68
N LEU A 22 13.54 -14.13 29.33
CA LEU A 22 13.92 -12.83 29.74
C LEU A 22 13.25 -12.45 31.02
N HIS A 23 14.05 -12.55 32.09
CA HIS A 23 13.62 -12.24 33.43
C HIS A 23 13.48 -10.77 33.71
N ALA A 24 12.34 -10.38 34.25
CA ALA A 24 12.00 -9.00 34.54
C ALA A 24 10.71 -8.95 35.35
N ARG A 28 3.04 -2.39 36.36
CA ARG A 28 1.86 -1.70 35.79
C ARG A 28 0.88 -2.80 35.55
N PRO A 29 -0.36 -2.77 36.09
CA PRO A 29 -1.23 -3.96 35.88
C PRO A 29 -1.59 -4.13 34.38
N ILE A 30 -2.26 -5.23 34.04
CA ILE A 30 -2.76 -5.39 32.67
C ILE A 30 -3.90 -4.44 32.29
N ILE A 31 -3.82 -3.80 31.11
CA ILE A 31 -5.02 -3.12 30.55
C ILE A 31 -5.54 -3.93 29.35
N SER A 32 -6.69 -4.55 29.48
CA SER A 32 -7.16 -5.45 28.43
C SER A 32 -7.33 -4.73 27.07
N LEU A 33 -6.72 -5.23 25.98
CA LEU A 33 -6.94 -4.68 24.63
C LEU A 33 -8.39 -4.98 24.16
N ARG A 34 -8.81 -6.21 24.38
CA ARG A 34 -10.15 -6.63 24.12
C ARG A 34 -11.28 -5.79 24.70
N GLU A 35 -11.23 -5.55 25.99
CA GLU A 35 -12.03 -4.57 26.67
C GLU A 35 -12.03 -3.16 26.16
N ARG A 36 -10.86 -2.63 25.90
CA ARG A 36 -10.72 -1.31 25.36
C ARG A 36 -11.42 -1.15 24.04
N ILE A 37 -11.30 -2.16 23.21
CA ILE A 37 -11.97 -2.20 21.92
C ILE A 37 -13.50 -2.13 22.16
N LEU A 38 -14.02 -2.93 23.06
CA LEU A 38 -15.44 -2.94 23.35
C LEU A 38 -15.91 -1.57 23.77
N GLU A 39 -15.10 -0.94 24.56
CA GLU A 39 -15.45 0.35 25.07
C GLU A 39 -15.39 1.45 24.01
N PHE A 40 -14.47 1.33 23.08
CA PHE A 40 -14.40 2.18 21.92
C PHE A 40 -15.61 1.99 21.00
N ASN A 41 -16.04 0.75 20.79
CA ASN A 41 -17.25 0.40 20.08
C ASN A 41 -18.47 1.06 20.73
N LYS A 42 -18.64 0.91 22.03
CA LYS A 42 -19.74 1.54 22.71
C LYS A 42 -19.71 3.11 22.59
N ARG A 43 -18.53 3.74 22.43
CA ARG A 43 -18.51 5.17 22.24
C ARG A 43 -18.50 5.60 20.76
N ASN A 44 -18.78 4.67 19.85
CA ASN A 44 -18.72 4.95 18.43
C ASN A 44 -17.41 5.55 17.99
N ASN A 45 -16.32 4.97 18.49
CA ASN A 45 -14.99 5.45 18.14
C ASN A 45 -14.26 4.40 17.34
N THR A 46 -13.76 4.72 16.15
CA THR A 46 -13.04 3.74 15.37
C THR A 46 -11.86 3.23 16.21
N ALA A 47 -11.77 1.89 16.35
CA ALA A 47 -10.72 1.31 17.15
C ALA A 47 -9.60 0.82 16.19
N ILE A 48 -8.49 1.55 16.14
CA ILE A 48 -7.33 1.10 15.40
C ILE A 48 -6.21 0.54 16.30
N ILE A 49 -5.71 -0.64 15.98
CA ILE A 49 -4.43 -1.13 16.57
C ILE A 49 -3.25 -0.86 15.63
N ALA A 50 -2.39 0.08 15.98
CA ALA A 50 -1.26 0.45 15.10
C ALA A 50 -0.14 -0.49 15.38
N VAL A 51 0.43 -1.03 14.29
CA VAL A 51 1.54 -2.00 14.43
C VAL A 51 2.88 -1.22 14.27
N TYR A 52 3.81 -1.46 15.20
CA TYR A 52 5.17 -1.05 15.00
C TYR A 52 5.99 -2.24 14.50
N LYS A 53 6.64 -2.04 13.35
CA LYS A 53 7.63 -2.98 12.77
C LYS A 53 8.49 -2.25 11.76
N ARG A 54 9.78 -2.48 11.90
CA ARG A 54 10.85 -1.86 11.13
C ARG A 54 10.92 -2.50 9.75
N LYS A 55 10.80 -3.83 9.74
CA LYS A 55 10.85 -4.66 8.55
C LYS A 55 9.69 -5.70 8.56
N SER A 56 9.40 -6.23 7.38
CA SER A 56 8.52 -7.42 7.21
C SER A 56 9.07 -8.37 6.13
N PRO A 57 8.92 -9.71 6.29
CA PRO A 57 9.56 -10.56 5.28
C PRO A 57 9.07 -10.19 3.89
N LEU A 60 8.67 -4.43 3.76
CA LEU A 60 8.86 -3.20 4.49
C LEU A 60 10.30 -3.02 5.03
N ASN A 61 10.82 -1.83 4.90
CA ASN A 61 12.03 -1.41 5.61
C ASN A 61 12.01 0.09 5.88
N VAL A 62 11.57 0.43 7.07
CA VAL A 62 11.44 1.78 7.54
C VAL A 62 12.28 1.95 8.80
N GLU A 63 12.81 3.14 9.01
CA GLU A 63 13.53 3.41 10.23
C GLU A 63 12.72 4.45 10.91
N ARG A 64 12.28 4.17 12.11
CA ARG A 64 11.37 5.05 12.79
C ARG A 64 11.54 4.82 14.28
N ASP A 65 11.59 5.84 15.10
CA ASP A 65 11.84 5.56 16.52
C ASP A 65 10.59 4.91 17.15
N PRO A 66 10.76 3.83 17.92
CA PRO A 66 9.62 3.12 18.53
C PRO A 66 8.86 3.98 19.57
N ILE A 67 9.62 4.71 20.38
CA ILE A 67 9.02 5.56 21.37
C ILE A 67 8.28 6.76 20.76
N GLU A 68 8.86 7.42 19.77
CA GLU A 68 8.14 8.52 19.10
C GLU A 68 6.90 8.05 18.38
N TYR A 69 7.03 6.91 17.69
CA TYR A 69 5.87 6.33 16.98
C TYR A 69 4.76 6.02 17.97
N ALA A 70 5.09 5.34 19.07
CA ALA A 70 4.09 4.99 20.06
C ALA A 70 3.44 6.24 20.72
N LYS A 71 4.26 7.18 21.18
CA LYS A 71 3.75 8.48 21.67
C LYS A 71 2.85 9.18 20.66
N PHE A 72 3.24 9.18 19.40
CA PHE A 72 2.41 9.83 18.41
C PHE A 72 1.03 9.12 18.33
N MET A 73 1.07 7.78 18.35
CA MET A 73 -0.17 7.01 18.16
C MET A 73 -1.06 7.08 19.42
N GLU A 74 -0.43 7.38 20.57
CA GLU A 74 -0.99 7.11 21.89
C GLU A 74 -2.43 7.56 22.07
N ARG A 75 -2.73 8.77 21.70
CA ARG A 75 -4.02 9.38 21.96
C ARG A 75 -5.07 9.11 20.90
N GLY A 76 -4.65 8.41 19.84
CA GLY A 76 -5.52 7.98 18.78
C GLY A 76 -5.93 6.51 18.80
N VAL A 77 -4.96 5.60 18.95
CA VAL A 77 -5.19 4.20 18.69
C VAL A 77 -5.91 3.52 19.85
N VAL A 78 -6.57 2.41 19.57
CA VAL A 78 -7.09 1.55 20.66
C VAL A 78 -5.92 0.79 21.35
N GLY A 79 -4.81 0.63 20.65
CA GLY A 79 -3.74 -0.17 21.16
C GLY A 79 -2.65 -0.22 20.09
N LEU A 80 -1.50 -0.79 20.48
CA LEU A 80 -0.29 -0.94 19.73
C LEU A 80 0.06 -2.42 19.71
N ALA A 81 0.39 -2.98 18.56
CA ALA A 81 0.98 -4.32 18.50
C ALA A 81 2.45 -4.08 18.18
N ILE A 82 3.34 -4.72 18.89
CA ILE A 82 4.79 -4.51 18.66
C ILE A 82 5.41 -5.82 18.17
N LEU A 83 6.08 -5.73 17.01
CA LEU A 83 6.87 -6.88 16.56
C LEU A 83 8.14 -7.14 17.46
N THR A 84 8.25 -8.38 17.99
CA THR A 84 9.38 -8.73 18.79
C THR A 84 10.19 -9.79 18.11
N GLU A 85 9.73 -10.25 16.94
CA GLU A 85 10.41 -11.26 16.11
C GLU A 85 11.65 -10.59 15.48
N GLU A 86 12.82 -11.21 15.65
CA GLU A 86 14.09 -10.57 15.41
C GLU A 86 14.67 -10.73 14.00
N LYS A 87 14.37 -11.80 13.27
CA LYS A 87 15.08 -12.08 12.07
C LYS A 87 14.37 -11.58 10.85
N TYR A 88 13.04 -11.69 10.81
CA TYR A 88 12.33 -11.24 9.61
C TYR A 88 11.68 -9.89 9.76
N PHE A 89 11.48 -9.45 10.99
CA PHE A 89 10.77 -8.24 11.22
C PHE A 89 11.66 -7.23 11.93
N ASN A 90 12.90 -7.60 12.24
CA ASN A 90 13.89 -6.75 12.86
C ASN A 90 13.43 -6.04 14.18
N GLY A 91 12.68 -6.76 15.03
CA GLY A 91 12.24 -6.19 16.29
C GLY A 91 12.96 -6.93 17.35
N SER A 92 12.69 -6.60 18.60
CA SER A 92 13.22 -7.30 19.73
C SER A 92 12.36 -6.95 20.94
N TYR A 93 12.62 -7.67 22.03
CA TYR A 93 12.00 -7.50 23.31
C TYR A 93 12.23 -6.08 23.86
N GLU A 94 13.31 -5.50 23.48
CA GLU A 94 13.63 -4.18 23.88
C GLU A 94 12.73 -3.09 23.32
N ASP A 95 12.28 -3.20 22.08
CA ASP A 95 11.14 -2.36 21.58
C ASP A 95 9.91 -2.41 22.48
N LEU A 96 9.56 -3.62 22.87
CA LEU A 96 8.34 -3.81 23.61
C LEU A 96 8.57 -3.16 24.96
N ARG A 97 9.72 -3.45 25.55
CA ARG A 97 10.05 -2.92 26.87
C ARG A 97 9.95 -1.38 27.00
N LYS A 98 10.58 -0.67 26.09
CA LYS A 98 10.59 0.78 26.03
C LYS A 98 9.22 1.37 25.80
N ILE A 99 8.47 0.85 24.81
CA ILE A 99 7.12 1.27 24.51
C ILE A 99 6.18 1.01 25.72
N ALA A 100 6.25 -0.18 26.32
CA ALA A 100 5.30 -0.45 27.38
C ALA A 100 5.61 0.49 28.55
N SER A 101 6.88 0.94 28.68
CA SER A 101 7.21 1.93 29.70
C SER A 101 6.91 3.36 29.31
N SER A 102 6.61 3.63 28.04
CA SER A 102 6.41 4.99 27.55
C SER A 102 4.98 5.45 27.35
N VAL A 103 4.03 4.53 27.27
CA VAL A 103 2.66 4.93 26.89
C VAL A 103 1.72 4.23 27.79
N SER A 104 0.49 4.65 27.88
CA SER A 104 -0.35 3.87 28.79
C SER A 104 -1.54 3.14 28.19
N ILE A 105 -1.49 2.89 26.86
CA ILE A 105 -2.54 2.16 26.16
C ILE A 105 -2.19 0.64 26.11
N PRO A 106 -3.14 -0.23 25.81
CA PRO A 106 -2.79 -1.64 25.81
C PRO A 106 -1.74 -1.94 24.70
N ILE A 107 -0.83 -2.83 24.99
CA ILE A 107 0.18 -3.37 24.12
C ILE A 107 -0.02 -4.84 23.86
N LEU A 108 -0.13 -5.19 22.59
CA LEU A 108 -0.09 -6.54 22.04
C LEU A 108 1.34 -6.87 21.61
N MET A 109 1.90 -7.90 22.17
CA MET A 109 3.13 -8.43 21.66
C MET A 109 2.95 -9.32 20.43
N TRP A 110 3.53 -8.92 19.33
CA TRP A 110 3.39 -9.72 18.08
C TRP A 110 4.69 -10.52 17.83
N ASP A 111 4.60 -11.84 17.88
CA ASP A 111 5.76 -12.62 17.59
C ASP A 111 5.28 -13.97 17.12
N ILE A 112 6.17 -14.98 17.08
CA ILE A 112 5.77 -16.31 16.68
C ILE A 112 5.91 -17.15 17.90
N ILE A 113 4.82 -17.31 18.63
CA ILE A 113 4.82 -17.88 19.96
C ILE A 113 4.59 -19.37 19.89
N VAL A 114 5.61 -20.10 20.30
CA VAL A 114 5.56 -21.56 20.21
C VAL A 114 5.79 -22.23 21.55
N LYS A 115 6.32 -21.48 22.51
CA LYS A 115 6.44 -22.02 23.89
C LYS A 115 5.93 -21.07 24.95
N GLU A 116 5.70 -21.65 26.14
CA GLU A 116 5.24 -20.89 27.30
C GLU A 116 6.15 -19.73 27.71
N SER A 117 7.47 -19.94 27.66
CA SER A 117 8.39 -18.92 28.12
C SER A 117 8.22 -17.58 27.32
N GLN A 118 7.77 -17.62 26.05
CA GLN A 118 7.61 -16.36 25.31
C GLN A 118 6.45 -15.52 25.87
N ILE A 119 5.53 -16.19 26.56
CA ILE A 119 4.33 -15.51 27.08
C ILE A 119 4.71 -14.94 28.43
N ASP A 120 5.52 -15.67 29.22
CA ASP A 120 6.19 -15.15 30.42
C ASP A 120 6.93 -13.85 30.01
N ASP A 121 7.73 -13.93 28.91
CA ASP A 121 8.45 -12.77 28.44
C ASP A 121 7.48 -11.62 28.13
N ALA A 122 6.44 -11.93 27.39
CA ALA A 122 5.47 -10.86 27.02
C ALA A 122 5.03 -10.12 28.31
N TYR A 123 4.66 -10.91 29.31
CA TYR A 123 4.08 -10.45 30.55
C TYR A 123 5.09 -9.65 31.39
N ASN A 124 6.32 -10.12 31.47
CA ASN A 124 7.36 -9.47 32.28
C ASN A 124 7.89 -8.28 31.56
N LEU A 125 7.79 -8.24 30.25
CA LEU A 125 8.10 -7.03 29.48
C LEU A 125 7.01 -5.97 29.52
N GLY A 126 5.83 -6.28 30.07
CA GLY A 126 4.75 -5.24 30.15
C GLY A 126 3.68 -5.27 29.05
N ALA A 127 3.66 -6.35 28.28
CA ALA A 127 2.59 -6.56 27.28
C ALA A 127 1.29 -6.87 28.01
N ASP A 128 0.18 -6.38 27.48
CA ASP A 128 -1.15 -6.71 27.96
C ASP A 128 -1.75 -7.90 27.27
N THR A 129 -1.26 -8.29 26.13
CA THR A 129 -1.75 -9.45 25.40
C THR A 129 -0.77 -9.92 24.40
N VAL A 130 -1.01 -11.07 23.85
CA VAL A 130 -0.22 -11.68 22.81
C VAL A 130 -1.03 -12.17 21.63
N GLY A 131 -0.42 -12.29 20.47
CA GLY A 131 -0.95 -13.03 19.38
C GLY A 131 -0.56 -14.47 19.36
N LEU A 132 -1.52 -15.31 19.08
CA LEU A 132 -1.35 -16.70 18.74
C LEU A 132 -1.88 -17.04 17.33
N ILE A 133 -1.17 -17.89 16.61
CA ILE A 133 -1.39 -18.14 15.22
C ILE A 133 -1.79 -19.58 14.98
N VAL A 134 -3.05 -19.78 14.62
CA VAL A 134 -3.64 -21.11 14.36
C VAL A 134 -2.76 -21.91 13.35
N LYS A 135 -2.37 -21.38 12.21
CA LYS A 135 -1.48 -22.04 11.26
C LYS A 135 -0.06 -22.47 11.74
N ILE A 136 0.37 -22.06 12.91
CA ILE A 136 1.74 -22.28 13.41
C ILE A 136 1.69 -23.54 14.34
N LEU A 137 0.54 -23.79 14.96
CA LEU A 137 0.49 -24.61 16.15
C LEU A 137 -0.51 -25.73 15.89
N THR A 138 -0.41 -26.84 16.67
CA THR A 138 -1.42 -27.89 16.67
C THR A 138 -2.51 -27.35 17.55
N GLU A 139 -3.68 -27.94 17.49
CA GLU A 139 -4.85 -27.50 18.22
C GLU A 139 -4.70 -27.61 19.73
N ARG A 140 -4.04 -28.68 20.15
CA ARG A 140 -3.70 -28.87 21.52
C ARG A 140 -2.70 -27.84 22.07
N GLU A 141 -1.69 -27.49 21.28
CA GLU A 141 -0.74 -26.45 21.62
C GLU A 141 -1.45 -25.11 21.72
N LEU A 142 -2.37 -24.83 20.80
CA LEU A 142 -3.09 -23.55 20.77
C LEU A 142 -3.90 -23.37 22.05
N LYS A 143 -4.65 -24.43 22.37
CA LYS A 143 -5.53 -24.42 23.55
C LYS A 143 -4.69 -24.32 24.82
N SER A 144 -3.58 -25.01 24.87
CA SER A 144 -2.75 -24.90 25.98
C SER A 144 -2.17 -23.50 26.15
N LEU A 145 -1.65 -22.94 25.09
CA LEU A 145 -1.04 -21.59 25.19
C LEU A 145 -2.11 -20.48 25.49
N LEU A 146 -3.36 -20.67 25.00
CA LEU A 146 -4.44 -19.73 25.21
C LEU A 146 -4.71 -19.72 26.73
N GLU A 147 -4.80 -20.89 27.31
CA GLU A 147 -4.98 -21.04 28.75
C GLU A 147 -3.83 -20.52 29.61
N TYR A 148 -2.62 -20.78 29.20
CA TYR A 148 -1.47 -20.18 29.78
C TYR A 148 -1.49 -18.62 29.81
N ALA A 149 -1.81 -18.00 28.67
CA ALA A 149 -1.93 -16.55 28.59
C ALA A 149 -3.05 -16.07 29.54
N ARG A 150 -4.19 -16.77 29.56
CA ARG A 150 -5.29 -16.45 30.48
C ARG A 150 -4.91 -16.53 31.96
N SER A 151 -4.08 -17.49 32.37
CA SER A 151 -3.65 -17.52 33.76
C SER A 151 -2.92 -16.24 34.18
N TYR A 152 -2.23 -15.55 33.24
CA TYR A 152 -1.64 -14.22 33.50
C TYR A 152 -2.66 -13.10 33.45
N GLY A 153 -3.89 -13.41 33.00
CA GLY A 153 -4.93 -12.42 32.83
C GLY A 153 -4.92 -11.73 31.48
N MET A 154 -4.21 -12.35 30.51
CA MET A 154 -4.13 -11.84 29.15
C MET A 154 -5.27 -12.51 28.33
N GLU A 155 -6.10 -11.80 27.62
CA GLU A 155 -6.95 -12.54 26.61
C GLU A 155 -6.28 -12.41 25.22
N PRO A 156 -5.67 -13.51 24.72
CA PRO A 156 -4.93 -13.43 23.41
C PRO A 156 -5.90 -13.29 22.25
N ALA A 157 -5.39 -12.63 21.22
CA ALA A 157 -5.94 -12.53 19.89
C ALA A 157 -5.40 -13.71 19.08
N ILE A 158 -6.30 -14.56 18.64
CA ILE A 158 -5.96 -15.72 17.85
C ILE A 158 -6.12 -15.37 16.34
N VAL A 159 -5.03 -15.49 15.57
CA VAL A 159 -5.02 -15.25 14.12
C VAL A 159 -5.59 -16.46 13.34
N ILE A 160 -6.63 -16.18 12.56
CA ILE A 160 -7.20 -17.14 11.63
C ILE A 160 -7.12 -16.61 10.23
N ASN A 161 -7.15 -17.54 9.29
CA ASN A 161 -6.89 -17.26 7.92
C ASN A 161 -7.97 -17.85 7.00
N ASP A 162 -8.58 -18.94 7.45
CA ASP A 162 -9.56 -19.64 6.65
C ASP A 162 -10.57 -20.29 7.60
N GLU A 163 -11.51 -21.05 7.02
CA GLU A 163 -12.55 -21.78 7.75
C GLU A 163 -12.00 -22.83 8.70
N ASN A 164 -10.96 -23.53 8.27
CA ASN A 164 -10.25 -24.42 9.18
C ASN A 164 -9.63 -23.85 10.47
N ASP A 165 -8.96 -22.72 10.31
CA ASP A 165 -8.44 -21.94 11.42
C ASP A 165 -9.55 -21.54 12.39
N LEU A 166 -10.69 -21.05 11.88
CA LEU A 166 -11.73 -20.49 12.77
C LEU A 166 -12.37 -21.64 13.55
N ASP A 167 -12.55 -22.73 12.83
CA ASP A 167 -13.16 -23.90 13.39
C ASP A 167 -12.34 -24.36 14.62
N ILE A 168 -11.02 -24.42 14.49
CA ILE A 168 -10.19 -24.80 15.61
C ILE A 168 -10.25 -23.69 16.73
N ALA A 169 -10.11 -22.42 16.32
CA ALA A 169 -10.14 -21.25 17.28
C ALA A 169 -11.42 -21.22 18.10
N LEU A 170 -12.56 -21.43 17.46
CA LEU A 170 -13.81 -21.47 18.21
C LEU A 170 -13.90 -22.67 19.13
N ARG A 171 -13.52 -23.85 18.68
CA ARG A 171 -13.67 -25.02 19.53
C ARG A 171 -12.79 -24.92 20.79
N ILE A 172 -11.63 -24.29 20.66
CA ILE A 172 -10.77 -24.20 21.86
C ILE A 172 -11.19 -23.03 22.79
N GLY A 173 -12.24 -22.30 22.43
CA GLY A 173 -12.86 -21.19 23.23
C GLY A 173 -12.28 -19.75 23.07
N ALA A 174 -11.77 -19.44 21.90
CA ALA A 174 -11.19 -18.14 21.64
C ALA A 174 -12.35 -17.13 21.77
N ARG A 175 -12.07 -16.00 22.42
CA ARG A 175 -12.99 -14.86 22.56
C ARG A 175 -12.50 -13.63 21.73
N PHE A 176 -11.33 -13.70 21.12
CA PHE A 176 -10.77 -12.52 20.52
C PHE A 176 -10.03 -12.99 19.24
N ILE A 177 -10.46 -12.58 18.07
CA ILE A 177 -9.91 -13.24 16.89
C ILE A 177 -9.48 -12.20 15.86
N ILE A 178 -8.27 -12.37 15.34
CA ILE A 178 -7.85 -11.57 14.21
C ILE A 178 -8.11 -12.34 12.90
N ILE A 179 -8.82 -11.70 11.98
CA ILE A 179 -9.07 -12.31 10.69
C ILE A 179 -7.96 -11.77 9.75
N SER A 180 -6.97 -12.59 9.47
CA SER A 180 -5.90 -12.12 8.57
C SER A 180 -6.19 -12.49 7.12
N SER A 181 -5.86 -11.60 6.18
CA SER A 181 -5.97 -11.94 4.80
C SER A 181 -4.62 -12.29 4.22
N HIS A 182 -3.58 -12.36 5.05
CA HIS A 182 -2.25 -12.79 4.59
C HIS A 182 -2.10 -14.24 4.65
N ASP A 183 -1.66 -14.87 3.58
CA ASP A 183 -1.14 -16.25 3.70
C ASP A 183 0.28 -16.10 4.27
N LEU A 184 0.52 -16.68 5.45
CA LEU A 184 1.83 -16.56 6.11
C LEU A 184 3.01 -17.15 5.36
N GLU A 185 2.77 -18.26 4.68
CA GLU A 185 3.80 -18.83 3.81
C GLU A 185 4.16 -17.97 2.61
N THR A 186 3.20 -17.79 1.72
CA THR A 186 3.51 -17.16 0.46
C THR A 186 3.56 -15.66 0.61
N LEU A 187 3.12 -15.12 1.71
CA LEU A 187 3.07 -13.69 1.84
C LEU A 187 1.98 -12.92 1.07
N GLU A 188 1.13 -13.60 0.33
CA GLU A 188 0.24 -12.90 -0.52
C GLU A 188 -1.04 -12.53 0.19
N ILE A 189 -1.66 -11.43 -0.11
CA ILE A 189 -2.87 -11.05 0.58
C ILE A 189 -4.00 -11.34 -0.31
N ASN A 190 -5.00 -12.06 0.17
CA ASN A 190 -6.19 -12.37 -0.62
C ASN A 190 -7.39 -12.10 0.23
N LYS A 191 -8.18 -11.08 -0.10
CA LYS A 191 -9.30 -10.65 0.68
C LYS A 191 -10.62 -11.34 0.30
N GLU A 192 -10.57 -12.36 -0.56
CA GLU A 192 -11.81 -12.84 -1.18
C GLU A 192 -12.65 -13.65 -0.19
N ASN A 193 -12.04 -14.38 0.75
CA ASN A 193 -12.85 -15.09 1.77
C ASN A 193 -13.11 -14.28 3.05
N GLN A 194 -12.74 -13.01 3.04
CA GLN A 194 -12.78 -12.13 4.22
C GLN A 194 -14.17 -11.85 4.72
N ARG A 195 -15.07 -11.36 3.85
CA ARG A 195 -16.46 -11.14 4.24
C ARG A 195 -17.17 -12.40 4.73
N LYS A 196 -17.03 -13.52 4.06
CA LYS A 196 -17.63 -14.79 4.52
C LYS A 196 -17.01 -15.23 5.90
N LEU A 197 -15.69 -15.21 6.06
CA LEU A 197 -15.09 -15.45 7.38
C LEU A 197 -15.70 -14.56 8.52
N ILE A 198 -15.78 -13.24 8.30
CA ILE A 198 -16.35 -12.33 9.25
C ILE A 198 -17.76 -12.68 9.62
N SER A 199 -18.55 -13.10 8.63
CA SER A 199 -19.96 -13.48 8.84
C SER A 199 -20.09 -14.73 9.73
N MET A 200 -19.04 -15.58 9.77
CA MET A 200 -19.08 -16.91 10.51
C MET A 200 -18.66 -16.78 11.95
N VAL A 201 -18.20 -15.61 12.35
CA VAL A 201 -17.69 -15.43 13.68
C VAL A 201 -18.88 -15.16 14.60
N PRO A 202 -19.01 -15.91 15.74
CA PRO A 202 -20.16 -15.69 16.62
C PRO A 202 -20.24 -14.30 17.27
N SER A 203 -21.40 -13.96 17.79
CA SER A 203 -21.65 -12.70 18.43
C SER A 203 -20.75 -12.30 19.63
N ASP A 204 -20.32 -13.28 20.39
CA ASP A 204 -19.65 -13.00 21.65
C ASP A 204 -18.14 -12.83 21.40
N VAL A 205 -17.69 -13.05 20.17
CA VAL A 205 -16.28 -12.89 19.85
C VAL A 205 -15.96 -11.46 19.32
N VAL A 206 -14.92 -10.82 19.91
CA VAL A 206 -14.33 -9.52 19.39
C VAL A 206 -13.41 -9.77 18.16
N LYS A 207 -13.72 -9.17 17.02
CA LYS A 207 -13.25 -9.54 15.67
C LYS A 207 -12.36 -8.32 15.26
N VAL A 208 -11.15 -8.61 14.86
CA VAL A 208 -10.22 -7.58 14.37
C VAL A 208 -9.87 -7.96 12.90
N VAL A 209 -9.98 -7.03 11.99
CA VAL A 209 -9.45 -7.33 10.61
C VAL A 209 -7.98 -6.91 10.44
N ALA A 210 -7.17 -7.82 9.97
CA ALA A 210 -5.78 -7.55 9.70
C ALA A 210 -5.46 -7.59 8.27
N SER A 211 -4.59 -6.72 7.90
CA SER A 211 -4.98 -5.75 6.95
C SER A 211 -4.12 -6.09 5.78
N GLY A 212 -4.39 -5.52 4.65
CA GLY A 212 -3.42 -4.65 4.04
C GLY A 212 -4.21 -3.39 3.84
N ILE A 213 -4.50 -2.80 4.96
CA ILE A 213 -5.44 -1.68 5.06
C ILE A 213 -4.75 -0.36 4.87
N SER A 214 -5.30 0.48 3.96
CA SER A 214 -4.75 1.84 3.69
C SER A 214 -5.72 2.92 3.48
N GLU A 215 -7.01 2.59 3.47
CA GLU A 215 -8.07 3.57 3.12
C GLU A 215 -9.11 3.53 4.21
N ARG A 216 -9.52 4.70 4.64
CA ARG A 216 -10.71 4.88 5.41
C ARG A 216 -11.97 4.17 4.89
N ASN A 217 -12.23 4.30 3.60
CA ASN A 217 -13.34 3.64 2.95
C ASN A 217 -13.40 2.18 3.34
N GLU A 218 -12.27 1.49 3.34
CA GLU A 218 -12.26 0.08 3.61
C GLU A 218 -12.62 -0.24 5.04
N ILE A 219 -12.08 0.51 5.96
CA ILE A 219 -12.44 0.48 7.41
C ILE A 219 -13.95 0.66 7.63
N GLU A 220 -14.52 1.72 7.03
CA GLU A 220 -15.99 1.92 7.06
C GLU A 220 -16.83 0.73 6.55
N GLU A 221 -16.46 0.08 5.44
CA GLU A 221 -17.22 -1.05 4.87
C GLU A 221 -17.20 -2.22 5.91
N LEU A 222 -15.99 -2.51 6.39
CA LEU A 222 -15.79 -3.57 7.38
C LEU A 222 -16.59 -3.35 8.69
N ARG A 223 -16.65 -2.13 9.17
CA ARG A 223 -17.25 -1.80 10.45
C ARG A 223 -18.74 -2.07 10.32
N LYS A 224 -19.31 -1.77 9.15
CA LYS A 224 -20.72 -2.04 8.82
C LYS A 224 -21.08 -3.50 9.01
N LEU A 225 -20.15 -4.38 8.61
CA LEU A 225 -20.27 -5.82 8.80
C LEU A 225 -20.13 -6.32 10.26
N GLY A 226 -19.98 -5.44 11.24
CA GLY A 226 -19.71 -5.90 12.61
C GLY A 226 -18.24 -6.02 13.06
N VAL A 227 -17.25 -5.62 12.24
CA VAL A 227 -15.87 -5.72 12.67
C VAL A 227 -15.62 -4.74 13.81
N ASN A 228 -14.97 -5.25 14.88
CA ASN A 228 -14.74 -4.44 16.10
C ASN A 228 -13.49 -3.53 16.04
N ALA A 229 -12.38 -3.99 15.43
CA ALA A 229 -11.16 -3.15 15.44
C ALA A 229 -10.37 -3.50 14.22
N PHE A 230 -9.32 -2.71 13.93
CA PHE A 230 -8.56 -2.81 12.68
C PHE A 230 -7.08 -2.82 12.96
N GLU A 231 -6.37 -3.90 12.65
CA GLU A 231 -4.96 -3.90 12.85
C GLU A 231 -4.21 -3.34 11.64
N ILE A 232 -3.45 -2.26 11.83
CA ILE A 232 -2.86 -1.58 10.66
C ILE A 232 -1.39 -1.35 10.84
N GLY A 233 -0.61 -1.83 9.85
CA GLY A 233 0.84 -1.88 9.96
C GLY A 233 1.57 -0.96 8.96
N SER A 234 1.90 -1.54 7.80
CA SER A 234 2.61 -0.96 6.68
C SER A 234 2.23 0.41 6.31
N SER A 235 0.95 0.69 6.16
CA SER A 235 0.67 2.05 5.78
C SER A 235 0.98 3.08 6.92
N LEU A 236 0.86 2.69 8.20
CA LEU A 236 1.13 3.59 9.33
C LEU A 236 2.63 3.76 9.52
N MET A 237 3.37 2.66 9.37
CA MET A 237 4.85 2.71 9.37
C MET A 237 5.39 3.61 8.20
N ARG A 238 4.73 3.59 7.04
CA ARG A 238 5.11 4.45 5.92
C ARG A 238 4.66 5.91 6.13
N ASN A 239 3.55 6.12 6.81
CA ASN A 239 3.13 7.48 7.03
C ASN A 239 2.18 7.61 8.24
N PRO A 240 2.79 7.77 9.43
CA PRO A 240 2.06 7.81 10.69
C PRO A 240 0.85 8.76 10.66
N GLU A 241 0.86 9.73 9.77
CA GLU A 241 -0.07 10.81 9.75
C GLU A 241 -1.47 10.32 9.31
N LYS A 242 -1.46 9.29 8.45
CA LYS A 242 -2.68 8.62 7.97
C LYS A 242 -3.63 8.20 9.12
N ILE A 243 -3.06 7.95 10.33
CA ILE A 243 -3.90 7.62 11.49
C ILE A 243 -5.09 8.57 11.62
N LYS A 244 -4.90 9.83 11.29
CA LYS A 244 -5.98 10.82 11.42
C LYS A 244 -7.14 10.54 10.51
N GLU A 245 -6.85 10.21 9.26
CA GLU A 245 -7.88 9.79 8.32
C GLU A 245 -8.62 8.49 8.76
N PHE A 246 -7.88 7.53 9.30
CA PHE A 246 -8.41 6.25 9.70
C PHE A 246 -9.31 6.39 10.93
N ILE A 247 -8.89 7.15 11.92
CA ILE A 247 -9.66 7.34 13.10
C ILE A 247 -10.79 8.29 12.72
N PRO B 2 8.51 -9.86 -14.02
CA PRO B 2 7.85 -9.23 -15.18
C PRO B 2 7.33 -10.27 -16.18
N ARG B 3 6.58 -9.81 -17.18
CA ARG B 3 6.18 -10.62 -18.37
C ARG B 3 7.40 -11.06 -19.18
N TYR B 4 7.24 -12.05 -20.09
CA TYR B 4 8.28 -12.37 -21.08
C TYR B 4 8.20 -11.23 -22.12
N LEU B 5 9.35 -10.68 -22.49
CA LEU B 5 9.46 -9.52 -23.37
C LEU B 5 10.67 -9.73 -24.31
N LYS B 6 10.74 -8.95 -25.38
CA LYS B 6 11.95 -8.88 -26.19
C LYS B 6 12.08 -7.44 -26.66
N GLY B 7 13.16 -7.14 -27.39
CA GLY B 7 13.37 -5.81 -27.97
C GLY B 7 13.74 -4.85 -26.86
N TRP B 8 13.50 -3.56 -27.11
CA TRP B 8 13.87 -2.50 -26.15
C TRP B 8 13.11 -2.72 -24.85
N LEU B 9 11.97 -3.40 -24.89
CA LEU B 9 11.16 -3.61 -23.66
C LEU B 9 11.84 -4.50 -22.64
N GLU B 10 12.16 -5.74 -23.03
CA GLU B 10 13.09 -6.61 -22.29
C GLU B 10 14.36 -5.87 -21.82
N ASP B 11 15.03 -5.11 -22.72
CA ASP B 11 16.20 -4.34 -22.27
C ASP B 11 15.84 -3.38 -21.11
N VAL B 12 14.81 -2.56 -21.27
CA VAL B 12 14.53 -1.52 -20.28
C VAL B 12 14.13 -2.15 -18.92
N VAL B 13 13.48 -3.31 -18.95
CA VAL B 13 13.05 -4.02 -17.74
C VAL B 13 14.21 -4.63 -17.03
N GLN B 14 15.15 -5.19 -17.79
CA GLN B 14 16.43 -5.66 -17.22
C GLN B 14 17.14 -4.54 -16.54
N LEU B 15 17.15 -3.38 -17.16
CA LEU B 15 17.75 -2.20 -16.48
C LEU B 15 17.00 -1.80 -15.23
N SER B 16 15.67 -1.84 -15.28
CA SER B 16 14.89 -1.42 -14.12
C SER B 16 15.09 -2.34 -12.93
N LEU B 17 15.24 -3.63 -13.18
CA LEU B 17 15.42 -4.65 -12.12
C LEU B 17 16.71 -4.36 -11.37
N ARG B 18 17.61 -3.69 -12.06
CA ARG B 18 18.87 -3.33 -11.47
C ARG B 18 18.97 -1.85 -11.06
N ARG B 19 17.87 -1.09 -11.20
CA ARG B 19 17.81 0.32 -10.70
C ARG B 19 18.23 0.49 -9.23
N PRO B 20 19.34 1.20 -8.98
CA PRO B 20 19.71 1.38 -7.57
C PRO B 20 18.72 2.28 -6.85
N SER B 21 18.32 1.91 -5.64
CA SER B 21 17.38 2.74 -4.91
C SER B 21 18.03 4.01 -4.37
N LEU B 22 17.20 4.95 -3.99
CA LEU B 22 17.63 6.29 -3.59
C LEU B 22 16.94 6.67 -2.29
N HIS B 23 17.71 6.85 -1.21
CA HIS B 23 17.06 7.29 0.05
C HIS B 23 17.04 8.83 0.25
N ALA B 24 15.91 9.30 0.77
CA ALA B 24 15.66 10.72 0.92
C ALA B 24 14.35 10.94 1.68
N SER B 25 14.13 12.18 2.17
CA SER B 25 12.88 12.54 2.93
C SER B 25 11.81 13.28 2.11
N ARG B 26 10.54 12.89 2.28
CA ARG B 26 9.43 13.73 1.72
C ARG B 26 9.54 15.10 2.35
N GLN B 27 9.44 16.16 1.56
CA GLN B 27 9.14 17.46 2.08
C GLN B 27 7.67 17.79 2.31
N ARG B 28 6.81 17.45 1.35
CA ARG B 28 5.39 17.75 1.46
C ARG B 28 4.57 16.49 1.51
N PRO B 29 3.37 16.52 2.10
CA PRO B 29 2.56 15.33 2.04
C PRO B 29 2.13 15.04 0.59
N ILE B 30 1.60 13.86 0.32
CA ILE B 30 1.09 13.56 -1.02
C ILE B 30 -0.12 14.45 -1.34
N ILE B 31 -0.26 14.88 -2.59
CA ILE B 31 -1.51 15.50 -3.06
C ILE B 31 -1.91 14.57 -4.16
N SER B 32 -3.07 13.93 -4.01
CA SER B 32 -3.59 13.02 -4.98
C SER B 32 -3.89 13.62 -6.37
N LEU B 33 -3.29 13.05 -7.42
CA LEU B 33 -3.56 13.46 -8.81
C LEU B 33 -4.97 13.04 -9.21
N ARG B 34 -5.36 11.84 -8.83
CA ARG B 34 -6.66 11.32 -9.11
C ARG B 34 -7.80 12.19 -8.57
N GLU B 35 -7.68 12.57 -7.33
CA GLU B 35 -8.56 13.49 -6.70
C GLU B 35 -8.63 14.86 -7.31
N ARG B 36 -7.49 15.40 -7.69
CA ARG B 36 -7.35 16.70 -8.29
C ARG B 36 -7.98 16.70 -9.64
N ILE B 37 -7.82 15.64 -10.37
CA ILE B 37 -8.57 15.48 -11.64
C ILE B 37 -10.09 15.56 -11.40
N LEU B 38 -10.61 14.86 -10.41
CA LEU B 38 -12.05 14.92 -10.10
C LEU B 38 -12.42 16.37 -9.79
N GLU B 39 -11.53 17.12 -9.12
CA GLU B 39 -11.87 18.47 -8.72
C GLU B 39 -11.91 19.34 -9.92
N PHE B 40 -10.94 19.18 -10.84
CA PHE B 40 -11.02 19.82 -12.16
C PHE B 40 -12.27 19.53 -12.94
N ASN B 41 -12.71 18.29 -12.92
CA ASN B 41 -13.97 17.89 -13.63
C ASN B 41 -15.16 18.66 -13.07
N LYS B 42 -15.25 18.76 -11.73
CA LYS B 42 -16.42 19.45 -11.16
C LYS B 42 -16.40 20.96 -11.41
N ARG B 43 -15.23 21.61 -11.51
CA ARG B 43 -15.21 22.99 -11.96
C ARG B 43 -15.28 23.20 -13.51
N ASN B 44 -15.52 22.12 -14.27
CA ASN B 44 -15.46 22.17 -15.71
C ASN B 44 -14.18 22.75 -16.27
N ASN B 45 -13.08 22.36 -15.65
CA ASN B 45 -11.76 22.74 -16.09
C ASN B 45 -11.08 21.61 -16.79
N THR B 46 -10.53 21.84 -17.98
CA THR B 46 -9.84 20.75 -18.72
C THR B 46 -8.60 20.30 -17.93
N ALA B 47 -8.55 19.00 -17.63
CA ALA B 47 -7.51 18.43 -16.83
C ALA B 47 -6.36 17.90 -17.67
N ILE B 48 -5.27 18.64 -17.78
CA ILE B 48 -4.18 18.13 -18.66
C ILE B 48 -3.02 17.69 -17.79
N ILE B 49 -2.48 16.51 -18.06
CA ILE B 49 -1.26 16.05 -17.44
C ILE B 49 -0.08 16.22 -18.37
N ALA B 50 0.72 17.20 -18.06
CA ALA B 50 1.87 17.60 -18.83
C ALA B 50 3.02 16.74 -18.42
N VAL B 51 3.57 16.06 -19.41
CA VAL B 51 4.74 15.24 -19.33
C VAL B 51 6.07 15.94 -19.62
N TYR B 52 6.99 15.74 -18.72
CA TYR B 52 8.35 16.12 -18.95
C TYR B 52 9.19 14.94 -19.38
N LYS B 53 9.75 15.06 -20.56
CA LYS B 53 10.63 14.03 -21.08
C LYS B 53 11.54 14.63 -22.09
N ARG B 54 12.81 14.42 -21.91
CA ARG B 54 13.65 15.07 -22.88
C ARG B 54 14.04 14.29 -24.13
N LYS B 55 13.99 12.97 -24.03
CA LYS B 55 14.12 12.09 -25.16
C LYS B 55 12.94 11.12 -25.12
N SER B 56 12.73 10.40 -26.19
CA SER B 56 11.81 9.28 -26.28
C SER B 56 12.31 8.29 -27.30
N PRO B 57 12.18 6.99 -27.07
CA PRO B 57 12.73 6.04 -28.03
C PRO B 57 12.13 6.29 -29.40
N SER B 58 10.98 6.92 -29.46
CA SER B 58 10.43 7.19 -30.76
C SER B 58 10.91 8.49 -31.32
N GLY B 59 12.05 9.03 -30.89
CA GLY B 59 12.67 10.17 -31.54
C GLY B 59 12.84 11.57 -30.98
N LEU B 60 11.96 12.02 -30.08
CA LEU B 60 12.04 13.30 -29.42
C LEU B 60 13.42 13.58 -28.88
N ASN B 61 13.88 14.81 -29.01
CA ASN B 61 15.10 15.25 -28.38
C ASN B 61 15.11 16.74 -28.13
N VAL B 62 14.41 17.12 -27.08
CA VAL B 62 14.26 18.51 -26.75
C VAL B 62 15.12 18.75 -25.57
N GLU B 63 15.79 19.90 -25.53
CA GLU B 63 16.42 20.33 -24.33
C GLU B 63 15.65 21.43 -23.67
N ARG B 64 15.33 21.27 -22.39
CA ARG B 64 14.41 22.14 -21.65
C ARG B 64 14.68 22.09 -20.16
N ASP B 65 14.80 23.22 -19.49
CA ASP B 65 15.03 23.13 -18.07
C ASP B 65 13.81 22.57 -17.37
N PRO B 66 13.97 21.51 -16.61
CA PRO B 66 12.81 20.86 -15.98
C PRO B 66 12.13 21.79 -15.01
N ILE B 67 12.90 22.54 -14.22
CA ILE B 67 12.26 23.45 -13.29
C ILE B 67 11.43 24.53 -14.05
N GLU B 68 11.97 25.06 -15.16
CA GLU B 68 11.26 26.10 -15.85
C GLU B 68 10.04 25.59 -16.48
N TYR B 69 10.13 24.41 -17.09
CA TYR B 69 8.97 23.75 -17.66
C TYR B 69 7.86 23.54 -16.62
N ALA B 70 8.24 23.03 -15.47
CA ALA B 70 7.25 22.74 -14.35
C ALA B 70 6.55 24.01 -13.88
N LYS B 71 7.41 24.99 -13.54
CA LYS B 71 6.94 26.34 -13.18
C LYS B 71 6.02 26.96 -14.24
N PHE B 72 6.37 26.81 -15.53
CA PHE B 72 5.54 27.35 -16.59
C PHE B 72 4.20 26.63 -16.61
N MET B 73 4.19 25.33 -16.35
CA MET B 73 2.94 24.52 -16.39
C MET B 73 2.08 24.62 -15.13
N GLU B 74 2.75 24.93 -14.01
CA GLU B 74 2.19 24.86 -12.67
C GLU B 74 0.77 25.36 -12.49
N ARG B 75 0.43 26.52 -13.03
CA ARG B 75 -0.86 27.11 -12.91
C ARG B 75 -1.87 26.62 -13.87
N GLY B 76 -1.48 25.88 -14.86
CA GLY B 76 -2.49 25.40 -15.81
C GLY B 76 -2.84 23.90 -15.77
N VAL B 77 -1.85 23.02 -15.61
CA VAL B 77 -2.02 21.60 -15.67
C VAL B 77 -2.65 21.07 -14.35
N VAL B 78 -3.33 19.90 -14.45
CA VAL B 78 -3.85 19.21 -13.29
C VAL B 78 -2.67 18.50 -12.61
N GLY B 79 -1.63 18.14 -13.39
CA GLY B 79 -0.45 17.53 -12.82
C GLY B 79 0.65 17.44 -13.86
N LEU B 80 1.80 16.93 -13.42
CA LEU B 80 3.01 16.72 -14.22
C LEU B 80 3.38 15.25 -14.13
N ALA B 81 3.77 14.62 -15.24
CA ALA B 81 4.35 13.29 -15.16
C ALA B 81 5.81 13.48 -15.53
N ILE B 82 6.74 12.91 -14.74
CA ILE B 82 8.13 13.10 -15.05
C ILE B 82 8.76 11.74 -15.47
N LEU B 83 9.52 11.72 -16.54
CA LEU B 83 10.23 10.46 -16.91
C LEU B 83 11.48 10.35 -16.08
N THR B 84 11.67 9.22 -15.38
CA THR B 84 12.80 8.94 -14.58
C THR B 84 13.58 7.81 -15.18
N GLU B 85 13.06 7.25 -16.28
CA GLU B 85 13.74 6.15 -17.00
C GLU B 85 14.97 6.75 -17.75
N GLU B 86 16.17 6.18 -17.54
CA GLU B 86 17.39 6.84 -17.96
C GLU B 86 17.94 6.59 -19.36
N LYS B 87 17.74 5.42 -19.90
CA LYS B 87 18.37 5.05 -21.11
C LYS B 87 17.62 5.38 -22.38
N TYR B 88 16.26 5.36 -22.35
CA TYR B 88 15.49 5.60 -23.58
C TYR B 88 14.86 6.96 -23.58
N PHE B 89 14.69 7.50 -22.38
CA PHE B 89 13.98 8.76 -22.24
C PHE B 89 14.92 9.85 -21.67
N ASN B 90 16.13 9.44 -21.32
CA ASN B 90 17.14 10.35 -20.80
C ASN B 90 16.70 11.09 -19.52
N GLY B 91 15.86 10.47 -18.67
CA GLY B 91 15.41 11.12 -17.46
C GLY B 91 16.26 10.63 -16.33
N SER B 92 16.05 11.13 -15.14
CA SER B 92 16.65 10.59 -13.92
C SER B 92 15.82 11.00 -12.70
N TYR B 93 16.18 10.41 -11.56
CA TYR B 93 15.48 10.66 -10.32
C TYR B 93 15.61 12.16 -9.86
N GLU B 94 16.72 12.74 -10.25
CA GLU B 94 16.97 14.15 -10.03
C GLU B 94 16.09 15.11 -10.77
N ASP B 95 15.69 14.82 -11.99
CA ASP B 95 14.54 15.59 -12.56
C ASP B 95 13.31 15.56 -11.68
N LEU B 96 12.98 14.41 -11.14
CA LEU B 96 11.82 14.33 -10.33
C LEU B 96 11.97 15.08 -9.03
N ARG B 97 13.10 14.91 -8.36
CA ARG B 97 13.39 15.57 -7.12
C ARG B 97 13.33 17.08 -7.23
N LYS B 98 13.90 17.60 -8.30
CA LYS B 98 13.98 19.02 -8.47
C LYS B 98 12.59 19.61 -8.63
N ILE B 99 11.88 19.10 -9.62
CA ILE B 99 10.50 19.42 -9.88
C ILE B 99 9.61 19.27 -8.67
N ALA B 100 9.67 18.15 -7.96
CA ALA B 100 8.75 17.92 -6.85
C ALA B 100 9.02 18.86 -5.68
N SER B 101 10.25 19.39 -5.59
CA SER B 101 10.61 20.53 -4.71
C SER B 101 10.19 21.91 -5.19
N SER B 102 9.92 22.11 -6.50
CA SER B 102 9.69 23.43 -7.07
C SER B 102 8.26 23.85 -7.24
N VAL B 103 7.32 22.92 -7.18
CA VAL B 103 5.93 23.25 -7.60
C VAL B 103 5.05 22.53 -6.67
N SER B 104 3.81 22.95 -6.50
CA SER B 104 3.02 22.25 -5.54
C SER B 104 1.86 21.44 -6.10
N ILE B 105 1.90 21.04 -7.38
CA ILE B 105 0.73 20.34 -7.97
C ILE B 105 1.13 18.83 -7.93
N PRO B 106 0.18 17.89 -8.17
CA PRO B 106 0.57 16.46 -8.10
C PRO B 106 1.59 16.11 -9.20
N ILE B 107 2.58 15.33 -8.82
CA ILE B 107 3.57 14.75 -9.69
C ILE B 107 3.44 13.23 -9.75
N LEU B 108 3.29 12.66 -10.96
CA LEU B 108 3.38 11.21 -11.33
C LEU B 108 4.82 10.90 -11.77
N MET B 109 5.45 9.94 -11.13
CA MET B 109 6.67 9.40 -11.59
C MET B 109 6.39 8.40 -12.78
N TRP B 110 6.88 8.72 -13.98
CA TRP B 110 6.75 7.82 -15.13
C TRP B 110 8.04 7.05 -15.37
N ASP B 111 7.98 5.75 -15.25
CA ASP B 111 9.16 4.88 -15.34
C ASP B 111 8.61 3.49 -15.63
N ILE B 112 9.52 2.51 -15.72
CA ILE B 112 9.20 1.15 -15.95
C ILE B 112 9.28 0.41 -14.65
N ILE B 113 8.20 0.35 -13.91
CA ILE B 113 8.26 -0.14 -12.51
C ILE B 113 8.06 -1.62 -12.50
N VAL B 114 9.06 -2.33 -11.99
CA VAL B 114 9.02 -3.77 -11.88
C VAL B 114 9.28 -4.25 -10.47
N LYS B 115 9.71 -3.35 -9.58
CA LYS B 115 10.08 -3.75 -8.21
C LYS B 115 9.65 -2.72 -7.19
N GLU B 116 9.47 -3.16 -5.97
CA GLU B 116 8.93 -2.31 -4.91
C GLU B 116 9.83 -1.13 -4.59
N SER B 117 11.14 -1.34 -4.58
CA SER B 117 12.03 -0.24 -4.29
C SER B 117 11.87 1.00 -5.22
N GLN B 118 11.33 0.83 -6.44
CA GLN B 118 11.23 1.97 -7.39
C GLN B 118 10.13 2.86 -6.87
N ILE B 119 9.18 2.24 -6.17
CA ILE B 119 8.06 2.95 -5.58
C ILE B 119 8.56 3.60 -4.28
N ASP B 120 9.38 2.93 -3.49
CA ASP B 120 9.96 3.61 -2.36
C ASP B 120 10.69 4.85 -2.93
N ASP B 121 11.52 4.69 -3.97
CA ASP B 121 12.17 5.79 -4.64
C ASP B 121 11.21 6.90 -5.02
N ALA B 122 10.13 6.55 -5.74
CA ALA B 122 9.14 7.60 -6.09
C ALA B 122 8.72 8.39 -4.83
N TYR B 123 8.38 7.65 -3.77
CA TYR B 123 7.84 8.28 -2.58
C TYR B 123 8.82 9.24 -1.93
N ASN B 124 10.09 8.79 -1.89
CA ASN B 124 11.09 9.53 -1.11
C ASN B 124 11.53 10.73 -1.91
N LEU B 125 11.47 10.62 -3.22
CA LEU B 125 11.83 11.75 -4.10
C LEU B 125 10.72 12.83 -4.23
N GLY B 126 9.52 12.57 -3.71
CA GLY B 126 8.45 13.60 -3.71
C GLY B 126 7.27 13.37 -4.68
N ALA B 127 7.27 12.21 -5.37
CA ALA B 127 6.18 11.86 -6.29
C ALA B 127 4.91 11.66 -5.47
N ASP B 128 3.77 11.99 -6.07
CA ASP B 128 2.47 11.76 -5.48
C ASP B 128 1.89 10.51 -6.01
N THR B 129 2.30 10.03 -7.14
CA THR B 129 1.85 8.73 -7.62
C THR B 129 2.80 8.17 -8.68
N VAL B 130 2.54 6.98 -9.11
CA VAL B 130 3.36 6.31 -10.11
C VAL B 130 2.48 5.70 -11.23
N GLY B 131 3.08 5.45 -12.39
CA GLY B 131 2.39 4.62 -13.39
C GLY B 131 2.80 3.14 -13.32
N LEU B 132 1.83 2.29 -13.61
CA LEU B 132 2.07 0.85 -13.74
C LEU B 132 1.51 0.37 -15.08
N ILE B 133 2.30 -0.46 -15.80
CA ILE B 133 1.99 -0.87 -17.13
C ILE B 133 1.53 -2.32 -17.14
N VAL B 134 0.25 -2.53 -17.44
CA VAL B 134 -0.27 -3.89 -17.50
C VAL B 134 0.61 -4.79 -18.41
N LYS B 135 0.94 -4.36 -19.61
CA LYS B 135 1.79 -5.12 -20.49
C LYS B 135 3.20 -5.51 -20.03
N ILE B 136 3.69 -4.94 -18.94
CA ILE B 136 5.03 -5.14 -18.39
C ILE B 136 5.02 -6.23 -17.33
N LEU B 137 3.88 -6.38 -16.70
CA LEU B 137 3.78 -7.12 -15.49
C LEU B 137 2.85 -8.34 -15.51
N THR B 138 3.08 -9.29 -14.65
CA THR B 138 2.12 -10.33 -14.44
C THR B 138 0.95 -9.75 -13.65
N GLU B 139 -0.16 -10.41 -13.71
CA GLU B 139 -1.36 -9.98 -13.03
C GLU B 139 -1.14 -9.97 -11.55
N ARG B 140 -0.45 -10.94 -11.07
CA ARG B 140 -0.04 -10.95 -9.69
C ARG B 140 0.99 -9.89 -9.26
N GLU B 141 1.93 -9.54 -10.12
CA GLU B 141 2.85 -8.44 -9.82
C GLU B 141 2.13 -7.10 -9.83
N LEU B 142 1.29 -6.92 -10.82
CA LEU B 142 0.47 -5.67 -10.94
C LEU B 142 -0.32 -5.41 -9.65
N LYS B 143 -1.10 -6.41 -9.28
CA LYS B 143 -1.89 -6.32 -8.03
C LYS B 143 -1.00 -6.02 -6.82
N SER B 144 0.09 -6.74 -6.73
CA SER B 144 1.00 -6.52 -5.65
C SER B 144 1.63 -5.10 -5.63
N LEU B 145 2.00 -4.54 -6.78
CA LEU B 145 2.64 -3.22 -6.80
C LEU B 145 1.56 -2.14 -6.61
N LEU B 146 0.33 -2.41 -7.04
CA LEU B 146 -0.79 -1.53 -6.77
C LEU B 146 -0.98 -1.41 -5.29
N GLU B 147 -0.97 -2.54 -4.60
CA GLU B 147 -1.15 -2.49 -3.17
C GLU B 147 0.00 -1.82 -2.43
N TYR B 148 1.20 -1.97 -2.97
CA TYR B 148 2.32 -1.41 -2.35
C TYR B 148 2.35 0.18 -2.43
N ALA B 149 2.00 0.70 -3.60
CA ALA B 149 1.85 2.12 -3.79
C ALA B 149 0.73 2.62 -2.86
N ARG B 150 -0.38 1.90 -2.76
CA ARG B 150 -1.47 2.31 -1.92
C ARG B 150 -1.11 2.41 -0.44
N SER B 151 -0.18 1.55 0.06
CA SER B 151 0.23 1.60 1.45
C SER B 151 1.02 2.88 1.69
N TYR B 152 1.62 3.46 0.64
CA TYR B 152 2.16 4.82 0.81
C TYR B 152 1.12 5.92 0.68
N GLY B 153 -0.11 5.58 0.31
CA GLY B 153 -1.18 6.56 0.08
C GLY B 153 -1.12 7.15 -1.33
N MET B 154 -0.56 6.40 -2.27
CA MET B 154 -0.57 6.78 -3.69
C MET B 154 -1.74 6.00 -4.39
N GLU B 155 -2.43 6.62 -5.32
CA GLU B 155 -3.35 5.80 -6.14
C GLU B 155 -2.71 5.84 -7.53
N PRO B 156 -2.10 4.72 -7.94
CA PRO B 156 -1.41 4.62 -9.23
C PRO B 156 -2.37 4.70 -10.39
N ALA B 157 -1.91 5.32 -11.48
CA ALA B 157 -2.47 5.20 -12.78
C ALA B 157 -1.99 3.87 -13.44
N ILE B 158 -2.93 2.96 -13.74
CA ILE B 158 -2.62 1.73 -14.50
C ILE B 158 -2.79 1.90 -16.09
N VAL B 159 -1.75 1.58 -16.84
CA VAL B 159 -1.76 1.81 -18.27
C VAL B 159 -2.25 0.56 -18.99
N ILE B 160 -3.32 0.70 -19.75
CA ILE B 160 -3.84 -0.35 -20.58
C ILE B 160 -3.79 0.15 -22.04
N ASN B 161 -3.78 -0.82 -22.93
CA ASN B 161 -3.60 -0.63 -24.33
C ASN B 161 -4.73 -1.40 -25.09
N ASP B 162 -5.32 -2.43 -24.47
CA ASP B 162 -6.28 -3.26 -25.22
C ASP B 162 -7.30 -3.85 -24.28
N GLU B 163 -8.32 -4.56 -24.79
CA GLU B 163 -9.32 -5.26 -23.87
C GLU B 163 -8.80 -6.26 -22.81
N ASN B 164 -7.79 -7.05 -23.14
CA ASN B 164 -7.20 -7.87 -22.11
C ASN B 164 -6.53 -7.09 -21.01
N ASP B 165 -5.74 -6.08 -21.39
CA ASP B 165 -5.19 -5.14 -20.35
C ASP B 165 -6.31 -4.65 -19.38
N LEU B 166 -7.46 -4.17 -19.92
CA LEU B 166 -8.51 -3.63 -19.08
C LEU B 166 -9.14 -4.66 -18.21
N ASP B 167 -9.27 -5.84 -18.77
CA ASP B 167 -9.81 -7.01 -18.04
C ASP B 167 -8.96 -7.29 -16.81
N ILE B 168 -7.65 -7.26 -16.95
CA ILE B 168 -6.75 -7.50 -15.83
C ILE B 168 -6.82 -6.30 -14.82
N ALA B 169 -6.80 -5.06 -15.36
CA ALA B 169 -6.73 -3.86 -14.50
C ALA B 169 -7.95 -3.75 -13.60
N LEU B 170 -9.13 -3.94 -14.19
CA LEU B 170 -10.38 -3.99 -13.49
C LEU B 170 -10.46 -5.11 -12.42
N ARG B 171 -10.04 -6.31 -12.74
CA ARG B 171 -10.07 -7.40 -11.75
C ARG B 171 -9.17 -7.10 -10.58
N ILE B 172 -8.00 -6.53 -10.79
CA ILE B 172 -7.12 -6.33 -9.61
C ILE B 172 -7.46 -5.03 -8.81
N GLY B 173 -8.55 -4.33 -9.21
CA GLY B 173 -9.11 -3.21 -8.41
C GLY B 173 -8.58 -1.81 -8.79
N ALA B 174 -8.10 -1.66 -10.02
CA ALA B 174 -7.60 -0.35 -10.51
C ALA B 174 -8.76 0.65 -10.44
N ARG B 175 -8.48 1.79 -9.83
CA ARG B 175 -9.43 2.95 -9.80
C ARG B 175 -9.02 4.07 -10.72
N PHE B 176 -7.83 3.98 -11.33
CA PHE B 176 -7.30 5.17 -12.05
C PHE B 176 -6.59 4.55 -13.25
N ILE B 177 -7.02 4.84 -14.47
CA ILE B 177 -6.59 4.08 -15.68
C ILE B 177 -6.19 5.06 -16.78
N ILE B 178 -5.02 4.85 -17.34
CA ILE B 178 -4.60 5.55 -18.57
C ILE B 178 -4.81 4.63 -19.77
N ILE B 179 -5.63 5.08 -20.68
CA ILE B 179 -5.81 4.39 -21.95
C ILE B 179 -4.76 4.88 -22.99
N SER B 180 -3.75 4.04 -23.21
CA SER B 180 -2.70 4.34 -24.14
C SER B 180 -3.00 3.75 -25.53
N SER B 181 -2.73 4.53 -26.56
CA SER B 181 -2.84 4.10 -27.95
C SER B 181 -1.45 3.78 -28.51
N HIS B 182 -0.43 3.84 -27.69
CA HIS B 182 0.90 3.35 -28.08
C HIS B 182 1.01 1.89 -27.94
N ASP B 183 1.54 1.22 -28.95
CA ASP B 183 2.03 -0.10 -28.73
C ASP B 183 3.46 0.17 -28.24
N LEU B 184 3.72 -0.20 -26.99
CA LEU B 184 5.02 -0.02 -26.35
C LEU B 184 6.18 -0.74 -27.00
N GLU B 185 5.97 -1.85 -27.66
CA GLU B 185 7.06 -2.54 -28.30
C GLU B 185 7.50 -1.91 -29.60
N THR B 186 6.55 -1.74 -30.49
CA THR B 186 6.64 -1.13 -31.81
C THR B 186 6.69 0.38 -31.83
N LEU B 187 6.12 1.01 -30.82
CA LEU B 187 6.09 2.47 -30.73
C LEU B 187 5.07 3.14 -31.66
N GLU B 188 4.29 2.34 -32.35
CA GLU B 188 3.31 2.78 -33.29
C GLU B 188 2.11 3.23 -32.52
N ILE B 189 1.42 4.21 -33.01
CA ILE B 189 0.23 4.74 -32.41
C ILE B 189 -0.98 4.30 -33.20
N ASN B 190 -1.93 3.66 -32.54
CA ASN B 190 -3.13 3.31 -33.22
C ASN B 190 -4.34 3.71 -32.38
N LYS B 191 -5.12 4.68 -32.84
CA LYS B 191 -6.24 5.15 -32.04
C LYS B 191 -7.49 4.35 -32.29
N GLU B 192 -7.34 3.25 -33.04
CA GLU B 192 -8.55 2.64 -33.56
C GLU B 192 -9.43 1.94 -32.50
N ASN B 193 -8.85 1.37 -31.43
CA ASN B 193 -9.68 0.76 -30.34
C ASN B 193 -9.87 1.72 -29.15
N GLN B 194 -9.52 2.97 -29.35
CA GLN B 194 -9.64 3.95 -28.28
C GLN B 194 -11.05 4.22 -27.78
N ARG B 195 -11.97 4.55 -28.68
CA ARG B 195 -13.36 4.77 -28.29
C ARG B 195 -14.02 3.54 -27.73
N LYS B 196 -13.84 2.39 -28.36
CA LYS B 196 -14.35 1.19 -27.75
C LYS B 196 -13.84 1.01 -26.31
N LEU B 197 -12.53 1.10 -26.13
CA LEU B 197 -11.90 0.93 -24.81
C LEU B 197 -12.47 1.89 -23.77
N ILE B 198 -12.66 3.16 -24.17
CA ILE B 198 -13.21 4.16 -23.25
C ILE B 198 -14.64 3.78 -22.81
N SER B 199 -15.43 3.24 -23.75
CA SER B 199 -16.82 2.74 -23.47
C SER B 199 -16.89 1.58 -22.46
N MET B 200 -15.75 0.92 -22.24
CA MET B 200 -15.83 -0.31 -21.46
C MET B 200 -15.47 -0.02 -20.05
N VAL B 201 -14.98 1.19 -19.85
CA VAL B 201 -14.46 1.48 -18.52
C VAL B 201 -15.65 1.75 -17.56
N PRO B 202 -15.72 1.02 -16.41
CA PRO B 202 -16.88 1.33 -15.54
C PRO B 202 -16.98 2.81 -15.10
N SER B 203 -18.18 3.23 -14.75
CA SER B 203 -18.45 4.56 -14.14
C SER B 203 -17.63 4.97 -12.89
N ASP B 204 -17.18 4.03 -12.08
CA ASP B 204 -16.49 4.47 -10.87
C ASP B 204 -14.95 4.69 -11.08
N VAL B 205 -14.45 4.49 -12.33
CA VAL B 205 -13.02 4.61 -12.65
C VAL B 205 -12.64 5.91 -13.36
N VAL B 206 -11.63 6.62 -12.83
CA VAL B 206 -11.09 7.85 -13.45
C VAL B 206 -10.17 7.48 -14.65
N LYS B 207 -10.50 7.97 -15.88
CA LYS B 207 -9.97 7.56 -17.16
C LYS B 207 -9.06 8.64 -17.73
N VAL B 208 -7.84 8.32 -18.07
CA VAL B 208 -6.92 9.20 -18.73
C VAL B 208 -6.59 8.78 -20.17
N VAL B 209 -6.74 9.69 -21.10
CA VAL B 209 -6.31 9.37 -22.43
C VAL B 209 -4.88 9.76 -22.72
N ALA B 210 -4.10 8.82 -23.13
CA ALA B 210 -2.75 9.11 -23.52
C ALA B 210 -2.40 8.66 -24.93
N SER B 211 -1.37 9.26 -25.46
CA SER B 211 -1.39 10.45 -26.24
C SER B 211 -0.70 10.51 -27.60
N GLY B 212 -1.44 10.70 -28.63
CA GLY B 212 -0.70 11.38 -29.66
C GLY B 212 -1.22 12.78 -29.77
N ILE B 213 -1.60 13.37 -28.66
CA ILE B 213 -2.43 14.55 -28.66
C ILE B 213 -1.74 15.86 -29.01
N SER B 214 -2.32 16.59 -29.93
CA SER B 214 -1.80 17.91 -30.40
C SER B 214 -2.86 18.98 -30.56
N GLU B 215 -4.12 18.57 -30.68
CA GLU B 215 -5.17 19.52 -31.00
C GLU B 215 -6.17 19.53 -29.89
N ARG B 216 -6.59 20.73 -29.55
CA ARG B 216 -7.68 20.94 -28.65
C ARG B 216 -8.96 20.26 -29.05
N ASN B 217 -9.28 20.31 -30.33
CA ASN B 217 -10.34 19.52 -30.91
C ASN B 217 -10.40 18.05 -30.54
N GLU B 218 -9.27 17.40 -30.50
CA GLU B 218 -9.28 15.98 -30.08
C GLU B 218 -9.69 15.81 -28.58
N ILE B 219 -9.20 16.73 -27.74
CA ILE B 219 -9.58 16.80 -26.32
C ILE B 219 -11.10 16.96 -26.20
N GLU B 220 -11.65 17.90 -26.94
CA GLU B 220 -13.10 18.09 -26.83
C GLU B 220 -13.95 16.85 -27.21
N GLU B 221 -13.55 16.12 -28.24
CA GLU B 221 -14.32 14.91 -28.63
C GLU B 221 -14.21 13.86 -27.54
N LEU B 222 -12.99 13.66 -27.02
CA LEU B 222 -12.79 12.67 -25.93
C LEU B 222 -13.50 13.03 -24.60
N ARG B 223 -13.53 14.32 -24.28
CA ARG B 223 -14.15 14.80 -23.06
C ARG B 223 -15.65 14.51 -23.09
N LYS B 224 -16.25 14.67 -24.26
CA LYS B 224 -17.65 14.27 -24.51
C LYS B 224 -17.94 12.79 -24.23
N LEU B 225 -16.98 11.92 -24.50
CA LEU B 225 -17.14 10.53 -24.10
C LEU B 225 -16.91 10.23 -22.61
N GLY B 226 -16.66 11.24 -21.74
CA GLY B 226 -16.48 10.98 -20.30
C GLY B 226 -15.00 10.81 -19.89
N VAL B 227 -14.05 11.06 -20.78
CA VAL B 227 -12.66 11.02 -20.44
C VAL B 227 -12.35 12.13 -19.44
N ASN B 228 -11.74 11.75 -18.30
CA ASN B 228 -11.49 12.69 -17.18
C ASN B 228 -10.28 13.63 -17.35
N ALA B 229 -9.22 13.15 -17.97
CA ALA B 229 -7.98 13.91 -18.11
C ALA B 229 -7.22 13.39 -19.33
N PHE B 230 -6.16 14.11 -19.70
CA PHE B 230 -5.42 13.90 -20.97
C PHE B 230 -3.95 13.99 -20.66
N GLU B 231 -3.19 12.96 -20.98
CA GLU B 231 -1.78 13.01 -20.70
C GLU B 231 -1.06 13.43 -21.99
N ILE B 232 -0.41 14.60 -21.98
CA ILE B 232 0.21 15.17 -23.19
C ILE B 232 1.70 15.36 -22.96
N GLY B 233 2.51 14.75 -23.81
CA GLY B 233 3.95 14.79 -23.68
C GLY B 233 4.68 15.52 -24.81
N SER B 234 4.84 14.89 -25.97
CA SER B 234 5.61 15.40 -27.10
C SER B 234 5.21 16.78 -27.62
N SER B 235 3.94 17.07 -27.80
CA SER B 235 3.64 18.42 -28.25
C SER B 235 3.96 19.50 -27.25
N LEU B 236 3.83 19.20 -25.95
CA LEU B 236 4.16 20.23 -24.94
C LEU B 236 5.66 20.44 -24.78
N MET B 237 6.44 19.40 -24.97
CA MET B 237 7.87 19.47 -24.89
C MET B 237 8.43 20.23 -26.07
N ARG B 238 7.76 20.12 -27.20
CA ARG B 238 8.10 20.81 -28.43
C ARG B 238 7.63 22.27 -28.42
N ASN B 239 6.43 22.49 -28.00
CA ASN B 239 5.90 23.81 -27.85
C ASN B 239 5.07 24.00 -26.60
N PRO B 240 5.69 24.41 -25.50
CA PRO B 240 4.93 24.58 -24.27
C PRO B 240 3.76 25.57 -24.31
N GLU B 241 3.77 26.60 -25.14
CA GLU B 241 2.63 27.49 -25.29
C GLU B 241 1.34 26.84 -25.65
N LYS B 242 1.40 25.73 -26.35
CA LYS B 242 0.17 25.03 -26.75
C LYS B 242 -0.73 24.70 -25.53
N ILE B 243 -0.13 24.73 -24.32
CA ILE B 243 -0.89 24.35 -23.10
C ILE B 243 -2.09 25.26 -23.06
N LYS B 244 -1.91 26.50 -23.49
CA LYS B 244 -3.00 27.50 -23.46
C LYS B 244 -4.18 27.12 -24.30
N GLU B 245 -3.96 26.68 -25.54
CA GLU B 245 -5.09 26.15 -26.32
C GLU B 245 -5.76 24.90 -25.72
N PHE B 246 -4.95 23.97 -25.22
CA PHE B 246 -5.44 22.70 -24.70
C PHE B 246 -6.34 22.92 -23.48
N ILE B 247 -5.98 23.88 -22.64
CA ILE B 247 -6.72 24.18 -21.43
C ILE B 247 -7.90 25.03 -21.89
P PO4 C . -0.17 -4.76 7.32
O1 PO4 C . -0.55 -6.03 8.07
O2 PO4 C . -1.13 -3.62 7.66
O3 PO4 C . -0.36 -5.26 5.89
O4 PO4 C . 1.33 -4.47 7.58
P PO4 D . 2.75 11.68 -26.17
O1 PO4 D . 2.73 11.05 -24.75
O2 PO4 D . 1.84 12.91 -26.17
O3 PO4 D . 2.38 10.66 -27.22
O4 PO4 D . 4.22 12.02 -26.39
#